data_3RTP
#
_entry.id   3RTP
#
_cell.length_a   50.297
_cell.length_b   71.701
_cell.length_c   108.302
_cell.angle_alpha   90.00
_cell.angle_beta   90.00
_cell.angle_gamma   90.00
#
_symmetry.space_group_name_H-M   'P 21 21 21'
#
loop_
_entity.id
_entity.type
_entity.pdbx_description
1 polymer 'Mitogen-activated protein kinase 10'
2 non-polymer N-[4-cyano-3-(1H-1,2,4-triazol-5-yl)thiophen-2-yl]-2-(2-oxo-3,4-dihydroquinolin-1(2H)-yl)acetamide
3 water water
#
_entity_poly.entity_id   1
_entity_poly.type   'polypeptide(L)'
_entity_poly.pdbx_seq_one_letter_code
;ASKSKVDNQFYSVEVGDSTFTVLKRYQNLKPIGSGAQGIVCAAYDAVLDRNVAIKKLSRPFQNQTHAKRAYRELVLMKCV
NHKNIISLLNVFTPQKTLEEFQDVYLVMELMDANLCQVIQMELDHERMSYLLYQMLCGIKHLHSAGIIHRDLKPSNIVVK
SDCTLKILDFGLARTAGTSFMMTPYVVTRYYRAPEVILGMGYKENVDIWSVGCIMGEMVRHKILFPGRDYIDQWNKVIEQ
LGTPCPEFMKKLQPTVRNYVENRPKYAGLTFPKLFPDSLFPADSEHNKLKASQARDLLSKMLVIDPAKRISVDDALQHPY
INVWYDPAEVEAPPPQIYDKQLDEREHTIEEWKELIYKEVMNS
;
_entity_poly.pdbx_strand_id   A
#
loop_
_chem_comp.id
_chem_comp.type
_chem_comp.name
_chem_comp.formula
34I non-polymer N-[4-cyano-3-(1H-1,2,4-triazol-5-yl)thiophen-2-yl]-2-(2-oxo-3,4-dihydroquinolin-1(2H)-yl)acetamide 'C18 H14 N6 O2 S'
#
# COMPACT_ATOMS: atom_id res chain seq x y z
N ASN A 8 2.44 -20.37 33.37
CA ASN A 8 1.93 -19.40 32.35
C ASN A 8 2.79 -19.38 31.08
N GLN A 9 2.13 -19.31 29.93
CA GLN A 9 2.76 -19.48 28.62
C GLN A 9 3.63 -18.32 28.15
N PHE A 10 3.30 -17.11 28.58
CA PHE A 10 3.93 -15.89 28.05
C PHE A 10 5.25 -15.57 28.76
N TYR A 11 5.96 -14.56 28.25
CA TYR A 11 7.12 -13.97 28.93
C TYR A 11 7.29 -12.50 28.53
N SER A 12 7.68 -11.67 29.50
CA SER A 12 7.85 -10.23 29.28
C SER A 12 9.28 -9.89 28.82
N VAL A 13 9.36 -9.03 27.80
CA VAL A 13 10.65 -8.53 27.30
C VAL A 13 10.58 -7.04 26.92
N GLU A 14 11.54 -6.27 27.43
CA GLU A 14 11.59 -4.84 27.18
C GLU A 14 12.19 -4.52 25.80
N VAL A 15 11.43 -3.77 25.00
CA VAL A 15 11.86 -3.34 23.66
C VAL A 15 11.64 -1.84 23.50
N GLY A 16 12.73 -1.07 23.55
CA GLY A 16 12.69 0.39 23.49
C GLY A 16 11.76 1.01 24.51
N ASP A 17 10.67 1.61 24.03
CA ASP A 17 9.64 2.22 24.87
C ASP A 17 8.72 1.15 25.48
N SER A 18 8.01 0.41 24.62
CA SER A 18 7.00 -0.55 25.07
C SER A 18 7.59 -1.84 25.65
N THR A 19 6.77 -2.55 26.42
CA THR A 19 7.11 -3.87 26.91
C THR A 19 6.32 -4.91 26.11
N PHE A 20 7.02 -5.67 25.29
CA PHE A 20 6.45 -6.80 24.57
C PHE A 20 6.34 -8.00 25.53
N THR A 21 5.12 -8.44 25.80
CA THR A 21 4.88 -9.60 26.67
C THR A 21 4.28 -10.75 25.84
N VAL A 22 5.12 -11.34 25.01
CA VAL A 22 4.68 -12.33 24.03
C VAL A 22 4.78 -13.78 24.54
N LEU A 23 4.41 -14.74 23.69
CA LEU A 23 4.51 -16.17 23.99
C LEU A 23 5.97 -16.63 24.07
N LYS A 24 6.18 -17.82 24.65
CA LYS A 24 7.53 -18.37 24.78
C LYS A 24 8.07 -19.00 23.48
N ARG A 25 7.19 -19.20 22.49
CA ARG A 25 7.61 -19.72 21.20
C ARG A 25 8.43 -18.71 20.40
N TYR A 26 8.13 -17.43 20.60
CA TYR A 26 8.81 -16.33 19.92
C TYR A 26 10.00 -15.82 20.74
N GLN A 27 11.20 -15.89 20.15
CA GLN A 27 12.44 -15.57 20.84
C GLN A 27 13.33 -14.65 20.01
N ASN A 28 14.27 -14.00 20.69
CA ASN A 28 15.20 -13.04 20.07
C ASN A 28 14.49 -12.00 19.23
N LEU A 29 13.71 -11.15 19.90
CA LEU A 29 12.96 -10.09 19.25
C LEU A 29 13.90 -8.96 18.81
N LYS A 30 13.59 -8.35 17.67
CA LYS A 30 14.34 -7.21 17.16
C LYS A 30 13.39 -6.14 16.60
N PRO A 31 13.51 -4.90 17.07
CA PRO A 31 12.57 -3.82 16.77
C PRO A 31 12.68 -3.24 15.35
N ILE A 32 11.52 -3.06 14.71
CA ILE A 32 11.42 -2.35 13.43
C ILE A 32 10.14 -1.51 13.39
N GLY A 33 9.76 -0.95 14.55
CA GLY A 33 8.44 -0.36 14.77
C GLY A 33 8.11 0.98 14.12
N SER A 34 7.41 1.81 14.88
CA SER A 34 6.94 3.07 14.39
C SER A 34 7.33 4.08 15.42
N GLY A 38 0.91 0.74 15.61
CA GLY A 38 1.59 -0.32 16.33
C GLY A 38 3.09 -0.39 16.19
N ILE A 39 3.72 -1.03 17.15
CA ILE A 39 5.17 -1.28 17.08
C ILE A 39 5.45 -2.70 16.56
N VAL A 40 6.43 -2.81 15.66
CA VAL A 40 6.75 -4.09 15.01
C VAL A 40 8.10 -4.68 15.47
N CYS A 41 8.09 -5.97 15.80
CA CYS A 41 9.28 -6.72 16.17
C CYS A 41 9.47 -7.90 15.23
N ALA A 42 10.72 -8.21 14.92
CA ALA A 42 11.05 -9.36 14.10
C ALA A 42 11.65 -10.44 15.00
N ALA A 43 10.95 -11.57 15.12
CA ALA A 43 11.38 -12.63 16.03
C ALA A 43 11.44 -14.01 15.37
N TYR A 44 12.03 -14.96 16.09
CA TYR A 44 12.12 -16.34 15.62
C TYR A 44 11.10 -17.24 16.31
N ASP A 45 10.21 -17.83 15.51
CA ASP A 45 9.23 -18.78 16.01
C ASP A 45 9.89 -20.15 16.12
N ALA A 46 9.92 -20.68 17.35
CA ALA A 46 10.56 -21.96 17.64
C ALA A 46 9.70 -23.17 17.24
N VAL A 47 8.39 -22.98 17.23
CA VAL A 47 7.46 -24.05 16.82
C VAL A 47 7.51 -24.23 15.30
N LEU A 48 7.42 -23.13 14.56
CA LEU A 48 7.39 -23.16 13.09
C LEU A 48 8.77 -23.20 12.43
N ASP A 49 9.82 -22.96 13.20
CA ASP A 49 11.21 -22.91 12.70
C ASP A 49 11.35 -21.92 11.54
N ARG A 50 11.05 -20.65 11.83
CA ARG A 50 11.23 -19.55 10.88
C ARG A 50 10.96 -18.19 11.53
N ASN A 51 11.48 -17.15 10.91
CA ASN A 51 11.29 -15.78 11.37
C ASN A 51 9.87 -15.31 11.16
N VAL A 52 9.41 -14.44 12.05
CA VAL A 52 8.08 -13.83 11.97
C VAL A 52 8.11 -12.34 12.34
N ALA A 53 7.00 -11.65 12.10
CA ALA A 53 6.85 -10.26 12.48
C ALA A 53 5.73 -10.11 13.50
N ILE A 54 6.07 -9.63 14.69
CA ILE A 54 5.08 -9.39 15.74
C ILE A 54 4.70 -7.92 15.76
N LYS A 55 3.41 -7.65 15.81
CA LYS A 55 2.91 -6.28 15.86
C LYS A 55 2.09 -6.07 17.14
N LYS A 56 2.61 -5.26 18.06
CA LYS A 56 1.89 -4.94 19.28
C LYS A 56 0.87 -3.83 19.04
N LEU A 57 -0.40 -4.16 19.19
CA LEU A 57 -1.45 -3.15 19.15
C LEU A 57 -1.71 -2.65 20.56
N SER A 58 -1.16 -1.47 20.86
CA SER A 58 -1.25 -0.87 22.18
C SER A 58 -2.65 -0.27 22.37
N ARG A 59 -3.42 -0.87 23.28
CA ARG A 59 -4.81 -0.51 23.52
C ARG A 59 -5.50 -0.06 22.22
N PRO A 60 -5.67 -1.01 21.26
CA PRO A 60 -6.03 -0.67 19.88
C PRO A 60 -7.42 -0.06 19.77
N PHE A 61 -8.24 -0.27 20.79
CA PHE A 61 -9.59 0.27 20.86
C PHE A 61 -9.60 1.68 21.45
N GLN A 62 -8.43 2.31 21.51
CA GLN A 62 -8.27 3.64 22.12
C GLN A 62 -9.14 4.72 21.47
N ASN A 63 -9.27 4.67 20.14
CA ASN A 63 -10.21 5.53 19.42
C ASN A 63 -10.81 4.81 18.21
N GLN A 64 -11.85 5.40 17.63
CA GLN A 64 -12.56 4.81 16.51
C GLN A 64 -11.70 4.65 15.25
N THR A 65 -10.75 5.56 15.06
CA THR A 65 -9.81 5.48 13.93
C THR A 65 -8.90 4.27 14.11
N HIS A 66 -8.35 4.13 15.31
CA HIS A 66 -7.49 3.00 15.67
C HIS A 66 -8.23 1.66 15.70
N ALA A 67 -9.39 1.66 16.37
CA ALA A 67 -10.19 0.46 16.51
C ALA A 67 -10.79 -0.02 15.19
N LYS A 68 -11.16 0.92 14.32
CA LYS A 68 -11.76 0.58 13.03
C LYS A 68 -10.74 -0.06 12.09
N ARG A 69 -9.56 0.54 11.99
CA ARG A 69 -8.50 0.00 11.14
C ARG A 69 -7.96 -1.34 11.64
N ALA A 70 -7.71 -1.45 12.95
CA ALA A 70 -7.19 -2.67 13.55
C ALA A 70 -8.12 -3.87 13.38
N TYR A 71 -9.42 -3.62 13.52
CA TYR A 71 -10.44 -4.65 13.27
C TYR A 71 -10.50 -5.00 11.79
N ARG A 72 -10.39 -3.98 10.94
CA ARG A 72 -10.31 -4.16 9.49
C ARG A 72 -9.10 -5.02 9.10
N GLU A 73 -7.95 -4.73 9.71
CA GLU A 73 -6.72 -5.47 9.42
C GLU A 73 -6.79 -6.89 9.98
N LEU A 74 -7.50 -7.07 11.08
CA LEU A 74 -7.68 -8.39 11.68
C LEU A 74 -8.54 -9.27 10.77
N VAL A 75 -9.79 -8.87 10.59
CA VAL A 75 -10.79 -9.64 9.84
C VAL A 75 -10.30 -10.05 8.45
N LEU A 76 -9.73 -9.08 7.73
CA LEU A 76 -9.35 -9.29 6.33
C LEU A 76 -8.16 -10.23 6.14
N MET A 77 -7.15 -10.14 7.00
CA MET A 77 -5.95 -10.98 6.89
C MET A 77 -6.21 -12.47 7.11
N LYS A 78 -7.11 -12.79 8.05
CA LYS A 78 -7.50 -14.17 8.31
C LYS A 78 -8.55 -14.64 7.28
N CYS A 79 -9.12 -13.68 6.56
CA CYS A 79 -10.08 -13.95 5.50
C CYS A 79 -9.38 -14.16 4.16
N VAL A 80 -8.60 -13.16 3.75
CA VAL A 80 -7.84 -13.19 2.49
C VAL A 80 -6.65 -14.13 2.60
N ASN A 81 -6.29 -14.78 1.49
CA ASN A 81 -5.07 -15.57 1.41
C ASN A 81 -4.42 -15.44 0.04
N HIS A 82 -3.42 -14.56 -0.06
CA HIS A 82 -2.71 -14.33 -1.31
C HIS A 82 -1.20 -14.23 -1.09
N LYS A 83 -0.42 -14.49 -2.15
CA LYS A 83 1.03 -14.43 -2.07
C LYS A 83 1.57 -13.01 -2.31
N ASN A 84 0.66 -12.04 -2.37
CA ASN A 84 1.03 -10.63 -2.54
C ASN A 84 0.36 -9.74 -1.48
N ILE A 85 -0.44 -10.36 -0.63
CA ILE A 85 -0.99 -9.72 0.58
C ILE A 85 -0.56 -10.58 1.75
N ILE A 86 0.24 -10.01 2.65
CA ILE A 86 0.81 -10.77 3.78
C ILE A 86 -0.24 -11.56 4.55
N SER A 87 0.17 -12.72 5.05
CA SER A 87 -0.74 -13.65 5.71
C SER A 87 -0.55 -13.63 7.23
N LEU A 88 -1.64 -13.86 7.95
CA LEU A 88 -1.58 -14.08 9.39
C LEU A 88 -1.12 -15.51 9.69
N LEU A 89 -0.31 -15.65 10.73
CA LEU A 89 0.15 -16.96 11.16
C LEU A 89 -0.32 -17.28 12.57
N ASN A 90 -0.48 -16.24 13.40
CA ASN A 90 -0.96 -16.37 14.77
C ASN A 90 -1.43 -15.06 15.38
N VAL A 91 -2.62 -15.08 16.00
CA VAL A 91 -3.20 -13.92 16.68
C VAL A 91 -3.43 -14.27 18.15
N PHE A 92 -2.93 -13.43 19.06
CA PHE A 92 -3.04 -13.71 20.50
C PHE A 92 -3.02 -12.48 21.39
N THR A 93 -3.45 -12.67 22.64
CA THR A 93 -3.41 -11.64 23.67
C THR A 93 -3.08 -12.24 25.05
N PRO A 94 -2.16 -11.61 25.79
CA PRO A 94 -1.80 -12.06 27.15
C PRO A 94 -2.93 -11.93 28.18
N GLN A 95 -3.85 -11.00 27.94
CA GLN A 95 -4.94 -10.73 28.89
C GLN A 95 -6.02 -11.80 28.85
N LYS A 96 -6.38 -12.31 30.01
CA LYS A 96 -7.29 -13.44 30.08
C LYS A 96 -8.75 -13.03 30.00
N THR A 97 -9.14 -12.00 30.69
CA THR A 97 -10.53 -11.56 30.68
C THR A 97 -10.75 -10.36 29.77
N LEU A 98 -12.01 -9.95 29.61
CA LEU A 98 -12.35 -8.75 28.87
C LEU A 98 -12.06 -7.50 29.70
N GLU A 99 -12.24 -7.61 31.02
CA GLU A 99 -11.98 -6.52 31.97
C GLU A 99 -10.50 -6.15 32.00
N GLU A 100 -9.66 -7.14 31.70
CA GLU A 100 -8.21 -6.95 31.71
C GLU A 100 -7.65 -6.64 30.33
N PHE A 101 -8.38 -7.07 29.29
CA PHE A 101 -7.99 -6.89 27.89
C PHE A 101 -7.40 -5.53 27.56
N GLN A 102 -6.17 -5.53 27.04
CA GLN A 102 -5.46 -4.28 26.72
C GLN A 102 -4.69 -4.32 25.40
N ASP A 103 -4.06 -5.45 25.10
CA ASP A 103 -3.16 -5.52 23.95
C ASP A 103 -3.49 -6.67 22.99
N VAL A 104 -3.34 -6.40 21.70
CA VAL A 104 -3.53 -7.40 20.65
C VAL A 104 -2.23 -7.57 19.89
N TYR A 105 -1.73 -8.81 19.83
CA TYR A 105 -0.51 -9.10 19.08
C TYR A 105 -0.85 -9.81 17.77
N LEU A 106 -0.42 -9.19 16.67
CA LEU A 106 -0.61 -9.77 15.34
C LEU A 106 0.71 -10.33 14.83
N VAL A 107 0.86 -11.65 14.91
CA VAL A 107 2.04 -12.32 14.38
C VAL A 107 1.78 -12.65 12.92
N MET A 108 2.63 -12.13 12.03
CA MET A 108 2.48 -12.30 10.59
C MET A 108 3.74 -12.38 9.80
N GLU A 109 3.65 -12.97 8.63
CA GLU A 109 4.80 -13.34 7.80
C GLU A 109 5.83 -12.22 7.69
N LEU A 110 7.11 -12.60 7.75
CA LEU A 110 8.20 -11.63 7.68
C LEU A 110 8.96 -11.69 6.36
N MET A 111 9.22 -10.50 5.81
CA MET A 111 10.02 -10.35 4.59
C MET A 111 11.38 -9.74 4.96
N ASP A 112 12.12 -9.30 3.95
CA ASP A 112 13.50 -8.87 4.14
C ASP A 112 13.66 -7.36 4.31
N ALA A 113 12.93 -6.57 3.52
CA ALA A 113 13.09 -5.12 3.50
C ALA A 113 11.80 -4.36 3.19
N ASN A 114 11.89 -3.04 3.23
CA ASN A 114 10.80 -2.13 2.91
C ASN A 114 10.96 -1.60 1.49
N LEU A 115 9.87 -1.20 0.85
CA LEU A 115 9.93 -0.71 -0.52
C LEU A 115 10.61 0.66 -0.65
N CYS A 116 10.69 1.40 0.46
CA CYS A 116 11.45 2.65 0.52
C CYS A 116 12.94 2.37 0.33
N GLN A 117 13.41 1.32 1.01
CA GLN A 117 14.81 0.86 0.90
C GLN A 117 15.18 0.49 -0.54
N VAL A 118 14.17 0.11 -1.33
CA VAL A 118 14.35 -0.29 -2.71
C VAL A 118 14.41 0.92 -3.66
N ILE A 119 13.65 1.96 -3.33
CA ILE A 119 13.61 3.19 -4.14
C ILE A 119 14.98 3.89 -4.14
N GLN A 120 15.83 3.54 -3.18
CA GLN A 120 17.18 4.09 -3.09
C GLN A 120 18.18 3.39 -4.01
N MET A 121 17.68 2.51 -4.88
CA MET A 121 18.52 1.68 -5.74
C MET A 121 18.22 1.84 -7.23
N GLU A 122 19.20 1.48 -8.06
CA GLU A 122 19.01 1.35 -9.49
C GLU A 122 18.38 -0.02 -9.78
N LEU A 123 17.29 -0.01 -10.55
CA LEU A 123 16.57 -1.24 -10.88
C LEU A 123 16.58 -1.54 -12.38
N ASP A 124 16.97 -2.75 -12.74
CA ASP A 124 16.84 -3.24 -14.12
C ASP A 124 15.36 -3.50 -14.40
N HIS A 125 14.98 -3.41 -15.68
CA HIS A 125 13.58 -3.55 -16.08
C HIS A 125 12.98 -4.89 -15.64
N GLU A 126 13.80 -5.94 -15.70
CA GLU A 126 13.39 -7.30 -15.32
C GLU A 126 12.84 -7.39 -13.90
N ARG A 127 13.57 -6.80 -12.95
CA ARG A 127 13.19 -6.79 -11.55
C ARG A 127 12.09 -5.77 -11.25
N MET A 128 12.16 -4.63 -11.90
CA MET A 128 11.21 -3.54 -11.69
C MET A 128 9.81 -3.90 -12.19
N SER A 129 9.73 -4.39 -13.43
CA SER A 129 8.47 -4.82 -14.03
C SER A 129 7.86 -6.00 -13.29
N TYR A 130 8.70 -6.83 -12.68
CA TYR A 130 8.22 -7.94 -11.85
C TYR A 130 7.66 -7.44 -10.52
N LEU A 131 8.35 -6.48 -9.91
CA LEU A 131 7.87 -5.86 -8.68
C LEU A 131 6.49 -5.23 -8.91
N LEU A 132 6.40 -4.38 -9.93
CA LEU A 132 5.15 -3.72 -10.29
C LEU A 132 4.05 -4.73 -10.61
N TYR A 133 4.37 -5.74 -11.40
CA TYR A 133 3.45 -6.85 -11.69
C TYR A 133 2.83 -7.38 -10.39
N GLN A 134 3.67 -7.63 -9.40
CA GLN A 134 3.22 -8.17 -8.13
C GLN A 134 2.27 -7.23 -7.41
N MET A 135 2.50 -5.95 -7.49
CA MET A 135 1.67 -4.97 -6.85
C MET A 135 0.33 -4.97 -7.46
N LEU A 136 0.26 -5.16 -8.76
CA LEU A 136 -0.98 -5.22 -9.53
C LEU A 136 -1.79 -6.48 -9.22
N CYS A 137 -1.09 -7.62 -9.07
CA CYS A 137 -1.73 -8.89 -8.74
C CYS A 137 -2.53 -8.80 -7.44
N GLY A 138 -1.91 -8.24 -6.42
CA GLY A 138 -2.55 -8.06 -5.12
C GLY A 138 -3.70 -7.07 -5.17
N ILE A 139 -3.47 -5.96 -5.87
CA ILE A 139 -4.48 -4.91 -6.05
C ILE A 139 -5.70 -5.45 -6.79
N LYS A 140 -5.45 -6.24 -7.84
CA LYS A 140 -6.52 -6.86 -8.61
C LYS A 140 -7.35 -7.79 -7.73
N HIS A 141 -6.65 -8.64 -6.98
CA HIS A 141 -7.27 -9.60 -6.08
C HIS A 141 -8.04 -8.93 -4.94
N LEU A 142 -7.55 -7.77 -4.50
CA LEU A 142 -8.26 -6.97 -3.51
C LEU A 142 -9.52 -6.37 -4.10
N HIS A 143 -9.43 -5.91 -5.35
CA HIS A 143 -10.58 -5.35 -6.05
C HIS A 143 -11.68 -6.38 -6.30
N SER A 144 -11.30 -7.66 -6.42
CA SER A 144 -12.24 -8.76 -6.64
C SER A 144 -13.00 -9.15 -5.37
N ALA A 145 -12.45 -8.76 -4.23
CA ALA A 145 -13.12 -8.96 -2.94
C ALA A 145 -14.04 -7.78 -2.63
N GLY A 146 -13.97 -6.75 -3.45
CA GLY A 146 -14.75 -5.53 -3.26
C GLY A 146 -14.03 -4.51 -2.40
N ILE A 147 -12.71 -4.70 -2.26
CA ILE A 147 -11.87 -3.83 -1.44
C ILE A 147 -11.02 -2.93 -2.33
N ILE A 148 -11.27 -1.62 -2.26
CA ILE A 148 -10.41 -0.66 -2.94
C ILE A 148 -9.51 0.02 -1.91
N HIS A 149 -8.20 -0.12 -2.13
CA HIS A 149 -7.17 0.24 -1.16
C HIS A 149 -7.22 1.75 -0.87
N ARG A 150 -7.10 2.55 -1.93
CA ARG A 150 -6.89 4.00 -1.86
C ARG A 150 -5.56 4.58 -1.37
N ASP A 151 -5.16 4.26 -0.13
CA ASP A 151 -3.88 4.73 0.41
C ASP A 151 -2.76 3.68 0.24
N LEU A 152 -2.35 3.49 -1.01
CA LEU A 152 -1.25 2.59 -1.35
C LEU A 152 0.07 3.37 -1.27
N LYS A 153 1.04 2.85 -0.52
CA LYS A 153 2.32 3.53 -0.31
C LYS A 153 3.48 2.54 -0.16
N PRO A 154 4.72 2.96 -0.55
CA PRO A 154 5.89 2.08 -0.50
C PRO A 154 6.26 1.62 0.91
N SER A 155 6.13 2.51 1.88
CA SER A 155 6.36 2.19 3.29
C SER A 155 5.44 1.09 3.80
N ASN A 156 4.32 0.88 3.09
CA ASN A 156 3.37 -0.18 3.39
C ASN A 156 3.50 -1.40 2.47
N ILE A 157 4.58 -1.46 1.71
CA ILE A 157 4.88 -2.60 0.85
C ILE A 157 6.25 -3.19 1.20
N VAL A 158 6.29 -4.51 1.35
CA VAL A 158 7.51 -5.21 1.76
C VAL A 158 8.10 -6.09 0.66
N VAL A 159 9.43 -6.18 0.68
CA VAL A 159 10.17 -6.88 -0.37
C VAL A 159 11.08 -7.94 0.26
N LYS A 160 11.25 -9.05 -0.45
CA LYS A 160 12.19 -10.08 -0.06
C LYS A 160 13.39 -9.95 -0.97
N SER A 161 14.48 -10.64 -0.64
CA SER A 161 15.68 -10.62 -1.47
C SER A 161 15.51 -11.59 -2.66
N ASP A 162 14.33 -11.54 -3.29
CA ASP A 162 13.94 -12.53 -4.29
C ASP A 162 13.99 -12.10 -5.76
N CYS A 163 13.26 -11.06 -6.17
CA CYS A 163 12.55 -10.11 -5.32
C CYS A 163 11.03 -10.28 -5.32
N THR A 164 10.51 -10.95 -4.30
CA THR A 164 9.08 -11.15 -4.16
C THR A 164 8.47 -10.02 -3.33
N LEU A 165 7.23 -9.67 -3.67
CA LEU A 165 6.55 -8.51 -3.09
C LEU A 165 5.27 -8.91 -2.37
N LYS A 166 5.03 -8.28 -1.22
CA LYS A 166 3.79 -8.45 -0.46
C LYS A 166 3.29 -7.11 0.10
N ILE A 167 1.99 -7.02 0.37
CA ILE A 167 1.36 -5.78 0.83
C ILE A 167 0.91 -5.92 2.27
N LEU A 168 1.23 -4.91 3.09
CA LEU A 168 1.01 -4.97 4.53
C LEU A 168 -0.40 -4.59 4.97
N ASP A 169 -0.91 -3.50 4.39
CA ASP A 169 -2.18 -2.91 4.85
C ASP A 169 -3.32 -3.12 3.86
N PHE A 170 -4.52 -2.68 4.24
CA PHE A 170 -5.72 -2.80 3.41
C PHE A 170 -6.33 -1.44 3.05
N GLY A 171 -5.67 -0.36 3.46
CA GLY A 171 -6.07 1.00 3.09
C GLY A 171 -7.23 1.56 3.89
N LEU A 172 -8.09 2.27 3.17
CA LEU A 172 -9.19 2.97 3.79
C LEU A 172 -10.56 2.69 3.17
N THR A 188 1.26 9.91 5.38
CA THR A 188 2.05 10.60 4.39
C THR A 188 1.44 10.39 3.07
N ARG A 189 1.16 11.50 2.42
CA ARG A 189 0.02 11.58 1.49
C ARG A 189 0.40 11.75 0.01
N TYR A 190 1.68 11.61 -0.31
CA TYR A 190 2.22 11.91 -1.64
C TYR A 190 1.68 11.00 -2.76
N TYR A 191 0.98 9.93 -2.38
CA TYR A 191 0.59 8.89 -3.32
C TYR A 191 -0.92 8.78 -3.51
N ARG A 192 -1.66 9.72 -2.93
CA ARG A 192 -3.12 9.73 -3.08
C ARG A 192 -3.51 10.34 -4.43
N ALA A 193 -4.62 9.84 -4.98
CA ALA A 193 -5.12 10.25 -6.29
C ALA A 193 -5.86 11.58 -6.26
N PRO A 194 -5.86 12.32 -7.39
CA PRO A 194 -6.53 13.63 -7.47
C PRO A 194 -7.97 13.59 -6.94
N GLU A 195 -8.68 12.52 -7.26
CA GLU A 195 -10.07 12.35 -6.81
C GLU A 195 -10.17 12.11 -5.30
N VAL A 196 -9.18 11.42 -4.75
CA VAL A 196 -9.05 11.28 -3.31
C VAL A 196 -8.72 12.64 -2.68
N ILE A 197 -7.75 13.34 -3.27
CA ILE A 197 -7.37 14.67 -2.81
C ILE A 197 -8.54 15.66 -2.91
N LEU A 198 -9.25 15.63 -4.04
CA LEU A 198 -10.33 16.58 -4.32
C LEU A 198 -11.73 16.05 -3.98
N GLY A 199 -11.77 14.97 -3.17
CA GLY A 199 -13.02 14.40 -2.66
C GLY A 199 -14.12 14.23 -3.69
N MET A 200 -13.78 13.57 -4.79
CA MET A 200 -14.70 13.39 -5.92
C MET A 200 -15.55 12.14 -5.77
N GLY A 201 -15.03 11.16 -5.03
CA GLY A 201 -15.52 9.79 -5.14
C GLY A 201 -14.63 9.08 -6.13
N TYR A 202 -14.63 7.76 -6.07
CA TYR A 202 -13.60 6.97 -6.74
C TYR A 202 -14.14 5.73 -7.45
N LYS A 203 -13.21 4.93 -7.97
CA LYS A 203 -13.47 3.59 -8.50
C LYS A 203 -12.24 2.70 -8.33
N GLU A 204 -12.27 1.51 -8.94
CA GLU A 204 -11.14 0.57 -8.86
C GLU A 204 -9.81 1.19 -9.26
N ASN A 205 -9.78 1.83 -10.42
CA ASN A 205 -8.53 2.35 -11.03
C ASN A 205 -7.86 3.49 -10.26
N VAL A 206 -8.34 3.75 -9.05
CA VAL A 206 -7.76 4.78 -8.18
C VAL A 206 -6.42 4.31 -7.59
N ASP A 207 -6.17 3.00 -7.65
CA ASP A 207 -4.93 2.41 -7.17
C ASP A 207 -3.86 2.34 -8.26
N ILE A 208 -4.27 2.59 -9.51
CA ILE A 208 -3.35 2.70 -10.64
C ILE A 208 -2.57 4.02 -10.57
N TRP A 209 -3.18 5.03 -9.97
CA TRP A 209 -2.50 6.30 -9.75
C TRP A 209 -1.36 6.12 -8.77
N SER A 210 -1.65 5.46 -7.65
CA SER A 210 -0.68 5.28 -6.57
C SER A 210 0.52 4.45 -7.03
N VAL A 211 0.27 3.49 -7.94
CA VAL A 211 1.34 2.68 -8.52
C VAL A 211 2.24 3.54 -9.42
N GLY A 212 1.61 4.39 -10.25
CA GLY A 212 2.34 5.32 -11.11
C GLY A 212 3.20 6.30 -10.33
N CYS A 213 2.81 6.55 -9.07
CA CYS A 213 3.60 7.37 -8.17
C CYS A 213 4.81 6.61 -7.63
N ILE A 214 4.63 5.32 -7.41
CA ILE A 214 5.70 4.46 -6.93
C ILE A 214 6.69 4.14 -8.07
N MET A 215 6.15 3.83 -9.24
CA MET A 215 6.96 3.52 -10.42
C MET A 215 7.85 4.69 -10.81
N GLY A 216 7.26 5.89 -10.87
CA GLY A 216 7.99 7.11 -11.20
C GLY A 216 9.03 7.48 -10.16
N GLU A 217 8.79 7.08 -8.92
CA GLU A 217 9.75 7.30 -7.84
C GLU A 217 10.91 6.31 -7.92
N MET A 218 10.63 5.11 -8.41
CA MET A 218 11.68 4.10 -8.65
C MET A 218 12.66 4.57 -9.72
N VAL A 219 12.18 5.50 -10.55
CA VAL A 219 12.95 6.05 -11.67
C VAL A 219 13.73 7.29 -11.21
N ARG A 220 13.00 8.29 -10.72
CA ARG A 220 13.58 9.57 -10.33
C ARG A 220 14.47 9.36 -9.12
N HIS A 221 13.98 8.56 -8.16
CA HIS A 221 14.50 8.44 -6.79
C HIS A 221 14.13 9.62 -5.90
N LYS A 222 13.63 10.69 -6.53
CA LYS A 222 12.91 11.74 -5.83
C LYS A 222 11.43 11.39 -5.80
N ILE A 223 10.77 11.72 -4.69
CA ILE A 223 9.32 11.57 -4.55
C ILE A 223 8.62 12.50 -5.54
N LEU A 224 7.70 11.95 -6.32
CA LEU A 224 7.12 12.64 -7.48
C LEU A 224 6.36 13.93 -7.16
N PHE A 225 5.37 13.85 -6.28
CA PHE A 225 4.58 15.01 -5.89
C PHE A 225 4.67 15.27 -4.38
N PRO A 226 5.81 15.82 -3.93
CA PRO A 226 6.03 15.95 -2.50
C PRO A 226 5.40 17.22 -1.90
N GLY A 227 4.11 17.14 -1.59
CA GLY A 227 3.37 18.28 -1.05
C GLY A 227 3.27 18.28 0.46
N ARG A 228 3.51 19.44 1.07
CA ARG A 228 3.44 19.59 2.52
C ARG A 228 2.01 19.54 3.06
N ASP A 229 1.06 20.00 2.24
CA ASP A 229 -0.37 19.87 2.55
C ASP A 229 -1.17 19.54 1.28
N TYR A 230 -2.42 19.16 1.46
CA TYR A 230 -3.32 18.77 0.35
C TYR A 230 -3.38 19.81 -0.77
N ILE A 231 -3.50 21.09 -0.38
CA ILE A 231 -3.54 22.20 -1.33
C ILE A 231 -2.20 22.38 -2.03
N ASP A 232 -1.12 22.28 -1.26
CA ASP A 232 0.25 22.40 -1.75
C ASP A 232 0.64 21.23 -2.67
N GLN A 233 0.03 20.07 -2.43
CA GLN A 233 0.36 18.86 -3.19
C GLN A 233 -0.26 18.88 -4.59
N TRP A 234 -1.42 19.52 -4.71
CA TRP A 234 -2.11 19.61 -6.00
C TRP A 234 -1.34 20.48 -6.98
N ASN A 235 -0.67 21.50 -6.47
CA ASN A 235 0.16 22.39 -7.28
C ASN A 235 1.29 21.62 -7.95
N LYS A 236 1.86 20.68 -7.24
CA LYS A 236 2.96 19.87 -7.70
C LYS A 236 2.52 18.80 -8.64
N VAL A 237 1.23 18.71 -8.86
CA VAL A 237 0.66 17.80 -9.85
C VAL A 237 0.43 18.53 -11.16
N ILE A 238 -0.18 19.71 -11.09
CA ILE A 238 -0.51 20.48 -12.29
C ILE A 238 0.71 21.14 -12.93
N GLU A 239 1.76 21.38 -12.15
CA GLU A 239 3.02 21.93 -12.66
C GLU A 239 3.69 21.01 -13.68
N GLN A 240 3.57 19.71 -13.45
CA GLN A 240 4.27 18.69 -14.23
C GLN A 240 3.39 18.03 -15.30
N LEU A 241 2.17 17.67 -14.91
CA LEU A 241 1.25 16.98 -15.80
C LEU A 241 0.38 17.95 -16.59
N GLY A 242 0.07 19.09 -15.99
CA GLY A 242 -0.77 20.11 -16.63
C GLY A 242 -2.20 20.11 -16.14
N THR A 243 -2.85 21.25 -16.29
CA THR A 243 -4.24 21.44 -15.87
C THR A 243 -5.15 20.50 -16.65
N PRO A 244 -5.91 19.64 -15.94
CA PRO A 244 -6.79 18.63 -16.53
C PRO A 244 -7.83 19.21 -17.48
N CYS A 245 -8.35 18.36 -18.38
CA CYS A 245 -9.32 18.80 -19.39
C CYS A 245 -10.60 19.39 -18.79
N PRO A 246 -11.23 20.34 -19.52
CA PRO A 246 -12.51 20.94 -19.10
C PRO A 246 -13.58 19.91 -18.79
N GLU A 247 -13.65 18.84 -19.58
CA GLU A 247 -14.60 17.74 -19.37
C GLU A 247 -14.48 17.12 -17.97
N PHE A 248 -13.25 17.07 -17.46
CA PHE A 248 -12.97 16.57 -16.11
C PHE A 248 -13.48 17.53 -15.03
N MET A 249 -13.23 18.82 -15.24
CA MET A 249 -13.54 19.87 -14.26
C MET A 249 -14.97 19.82 -13.73
N LYS A 250 -15.93 19.72 -14.65
CA LYS A 250 -17.35 19.84 -14.32
C LYS A 250 -17.94 18.75 -13.42
N LYS A 251 -17.18 17.66 -13.23
CA LYS A 251 -17.63 16.54 -12.38
C LYS A 251 -17.32 16.74 -10.90
N LEU A 252 -16.67 17.86 -10.58
CA LEU A 252 -16.26 18.19 -9.20
C LEU A 252 -17.40 18.82 -8.37
N GLN A 253 -17.23 18.80 -7.05
CA GLN A 253 -18.04 19.60 -6.13
C GLN A 253 -17.87 21.07 -6.54
N PRO A 254 -18.97 21.76 -6.87
CA PRO A 254 -18.88 23.14 -7.41
C PRO A 254 -18.08 24.08 -6.49
N THR A 255 -18.23 23.87 -5.18
CA THR A 255 -17.49 24.63 -4.17
C THR A 255 -15.97 24.36 -4.21
N VAL A 256 -15.61 23.11 -4.51
CA VAL A 256 -14.21 22.68 -4.68
C VAL A 256 -13.74 22.99 -6.10
N ARG A 257 -14.63 22.71 -7.07
CA ARG A 257 -14.44 22.96 -8.50
C ARG A 257 -14.08 24.42 -8.76
N ASN A 258 -14.67 25.31 -7.97
CA ASN A 258 -14.38 26.73 -8.01
C ASN A 258 -12.88 27.02 -7.85
N TYR A 259 -12.28 26.41 -6.82
CA TYR A 259 -10.87 26.59 -6.51
C TYR A 259 -9.92 26.08 -7.60
N VAL A 260 -10.20 24.88 -8.11
CA VAL A 260 -9.34 24.21 -9.11
C VAL A 260 -9.37 24.93 -10.47
N GLU A 261 -10.56 25.38 -10.88
CA GLU A 261 -10.74 26.13 -12.12
C GLU A 261 -10.07 27.51 -12.03
N ASN A 262 -9.84 27.97 -10.80
CA ASN A 262 -9.21 29.26 -10.56
C ASN A 262 -7.69 29.22 -10.57
N ARG A 263 -7.12 28.08 -10.18
CA ARG A 263 -5.66 27.87 -10.17
C ARG A 263 -5.05 28.04 -11.58
N PRO A 264 -3.77 28.49 -11.66
CA PRO A 264 -3.12 28.84 -12.94
C PRO A 264 -3.06 27.67 -13.93
N LYS A 265 -3.04 27.99 -15.22
CA LYS A 265 -3.01 26.97 -16.27
C LYS A 265 -1.58 26.52 -16.57
N TYR A 266 -1.39 25.22 -16.71
CA TYR A 266 -0.10 24.65 -17.08
C TYR A 266 -0.23 23.78 -18.31
N ALA A 267 0.66 24.01 -19.28
CA ALA A 267 0.68 23.24 -20.53
C ALA A 267 0.89 21.75 -20.26
N GLY A 268 1.63 21.45 -19.20
CA GLY A 268 1.91 20.07 -18.84
C GLY A 268 3.04 19.47 -19.66
N LEU A 269 4.15 19.23 -18.98
CA LEU A 269 5.35 18.69 -19.61
C LEU A 269 5.14 17.23 -20.05
N THR A 270 5.62 16.92 -21.25
CA THR A 270 5.52 15.57 -21.81
C THR A 270 6.40 14.58 -21.04
N PHE A 271 6.03 13.31 -21.09
CA PHE A 271 6.68 12.26 -20.31
C PHE A 271 8.15 11.98 -20.63
N PRO A 272 8.59 12.19 -21.89
CA PRO A 272 10.04 12.17 -22.13
C PRO A 272 10.77 13.24 -21.32
N LYS A 273 10.16 14.43 -21.20
CA LYS A 273 10.73 15.51 -20.41
C LYS A 273 10.62 15.26 -18.90
N LEU A 274 9.57 14.56 -18.48
CA LEU A 274 9.40 14.18 -17.07
C LEU A 274 10.35 13.06 -16.68
N PHE A 275 10.50 12.09 -17.57
CA PHE A 275 11.41 10.98 -17.36
C PHE A 275 12.40 10.88 -18.53
N PRO A 276 13.46 11.72 -18.50
CA PRO A 276 14.46 11.76 -19.58
C PRO A 276 15.28 10.48 -19.73
N ASP A 277 15.92 10.32 -20.88
CA ASP A 277 16.77 9.16 -21.19
C ASP A 277 17.65 8.66 -20.04
N SER A 278 18.39 9.59 -19.42
CA SER A 278 19.42 9.26 -18.43
C SER A 278 18.91 8.48 -17.23
N LEU A 279 17.62 8.63 -16.92
CA LEU A 279 17.02 7.98 -15.75
C LEU A 279 16.95 6.46 -15.90
N PHE A 280 16.62 5.99 -17.10
CA PHE A 280 16.44 4.57 -17.37
C PHE A 280 17.76 3.88 -17.75
N PRO A 281 17.95 2.63 -17.27
CA PRO A 281 19.04 1.80 -17.78
C PRO A 281 18.72 1.33 -19.19
N ALA A 282 19.47 1.84 -20.17
CA ALA A 282 19.20 1.55 -21.58
C ALA A 282 20.49 1.42 -22.42
N ASP A 283 21.44 0.64 -21.92
CA ASP A 283 22.72 0.43 -22.62
C ASP A 283 22.63 -0.62 -23.74
N SER A 284 21.79 -1.63 -23.57
CA SER A 284 21.54 -2.63 -24.61
C SER A 284 20.28 -2.31 -25.40
N GLU A 285 20.02 -3.07 -26.45
CA GLU A 285 18.81 -2.88 -27.25
C GLU A 285 17.55 -3.33 -26.52
N HIS A 286 17.68 -4.39 -25.71
CA HIS A 286 16.59 -4.88 -24.86
C HIS A 286 16.15 -3.79 -23.89
N ASN A 287 17.12 -3.13 -23.28
CA ASN A 287 16.86 -2.05 -22.33
C ASN A 287 16.29 -0.78 -22.96
N LYS A 288 16.76 -0.46 -24.16
CA LYS A 288 16.26 0.70 -24.90
C LYS A 288 14.77 0.57 -25.22
N LEU A 289 14.37 -0.62 -25.63
CA LEU A 289 12.97 -0.93 -25.92
C LEU A 289 12.14 -0.89 -24.63
N LYS A 290 12.63 -1.57 -23.60
CA LYS A 290 11.96 -1.63 -22.30
C LYS A 290 11.82 -0.26 -21.61
N ALA A 291 12.69 0.68 -21.99
CA ALA A 291 12.63 2.04 -21.44
C ALA A 291 11.42 2.81 -21.95
N SER A 292 11.12 2.67 -23.24
CA SER A 292 9.93 3.31 -23.84
C SER A 292 8.65 2.65 -23.37
N GLN A 293 8.69 1.32 -23.24
CA GLN A 293 7.58 0.53 -22.70
C GLN A 293 7.25 0.92 -21.26
N ALA A 294 8.28 1.33 -20.52
CA ALA A 294 8.12 1.80 -19.15
C ALA A 294 7.47 3.17 -19.11
N ARG A 295 7.96 4.07 -19.97
CA ARG A 295 7.45 5.44 -20.03
C ARG A 295 6.05 5.47 -20.61
N ASP A 296 5.76 4.53 -21.51
CA ASP A 296 4.44 4.37 -22.09
C ASP A 296 3.42 3.96 -21.03
N LEU A 297 3.89 3.22 -20.03
CA LEU A 297 3.06 2.77 -18.91
C LEU A 297 2.81 3.91 -17.93
N LEU A 298 3.89 4.58 -17.51
CA LEU A 298 3.80 5.74 -16.63
C LEU A 298 2.81 6.77 -17.16
N SER A 299 2.90 7.04 -18.47
CA SER A 299 2.08 8.03 -19.15
C SER A 299 0.59 7.69 -19.08
N LYS A 300 0.29 6.40 -18.97
CA LYS A 300 -1.09 5.94 -18.91
C LYS A 300 -1.60 5.83 -17.49
N MET A 301 -0.68 5.66 -16.54
CA MET A 301 -1.02 5.52 -15.12
C MET A 301 -1.11 6.86 -14.42
N LEU A 302 -0.20 7.77 -14.77
CA LEU A 302 -0.16 9.10 -14.17
C LEU A 302 -1.08 10.08 -14.91
N VAL A 303 -2.36 9.72 -14.97
CA VAL A 303 -3.39 10.57 -15.58
C VAL A 303 -4.32 11.08 -14.49
N ILE A 304 -4.69 12.35 -14.57
CA ILE A 304 -5.48 13.02 -13.54
C ILE A 304 -6.95 12.61 -13.59
N ASP A 305 -7.52 12.52 -14.78
CA ASP A 305 -8.89 12.06 -14.97
C ASP A 305 -8.97 10.53 -14.94
N PRO A 306 -9.68 9.97 -13.95
CA PRO A 306 -9.81 8.51 -13.83
C PRO A 306 -10.53 7.86 -15.03
N ALA A 307 -11.25 8.68 -15.80
CA ALA A 307 -11.94 8.20 -17.00
C ALA A 307 -10.97 7.94 -18.14
N LYS A 308 -9.81 8.59 -18.10
CA LYS A 308 -8.75 8.41 -19.11
C LYS A 308 -7.58 7.58 -18.58
N ARG A 309 -7.59 7.30 -17.28
CA ARG A 309 -6.53 6.53 -16.63
C ARG A 309 -6.72 5.03 -16.84
N ILE A 310 -5.63 4.35 -17.23
CA ILE A 310 -5.64 2.92 -17.48
C ILE A 310 -6.11 2.10 -16.26
N SER A 311 -6.80 0.99 -16.54
CA SER A 311 -7.33 0.12 -15.49
C SER A 311 -6.36 -1.01 -15.15
N VAL A 312 -6.51 -1.58 -13.95
CA VAL A 312 -5.65 -2.67 -13.46
C VAL A 312 -5.62 -3.82 -14.48
N ASP A 313 -6.80 -4.17 -14.98
CA ASP A 313 -6.96 -5.24 -15.97
C ASP A 313 -6.12 -4.95 -17.22
N ASP A 314 -6.25 -3.74 -17.76
CA ASP A 314 -5.52 -3.31 -18.95
C ASP A 314 -4.02 -3.10 -18.72
N ALA A 315 -3.66 -2.73 -17.49
CA ALA A 315 -2.26 -2.49 -17.12
C ALA A 315 -1.45 -3.79 -17.06
N LEU A 316 -2.09 -4.88 -16.68
CA LEU A 316 -1.45 -6.19 -16.63
C LEU A 316 -1.26 -6.76 -18.03
N GLN A 317 -1.89 -6.12 -19.01
CA GLN A 317 -1.81 -6.54 -20.40
C GLN A 317 -0.86 -5.64 -21.19
N HIS A 318 -0.26 -4.68 -20.49
CA HIS A 318 0.74 -3.80 -21.08
C HIS A 318 2.05 -4.57 -21.34
N PRO A 319 2.65 -4.39 -22.54
CA PRO A 319 3.85 -5.12 -22.98
C PRO A 319 5.00 -5.15 -21.97
N TYR A 320 5.08 -4.12 -21.12
CA TYR A 320 6.09 -4.08 -20.07
C TYR A 320 5.75 -5.07 -18.97
N ILE A 321 4.46 -5.16 -18.64
CA ILE A 321 4.00 -5.99 -17.51
C ILE A 321 3.63 -7.42 -17.93
N ASN A 322 2.97 -7.57 -19.07
CA ASN A 322 2.36 -8.86 -19.44
C ASN A 322 3.33 -10.03 -19.60
N VAL A 323 4.63 -9.75 -19.71
CA VAL A 323 5.67 -10.78 -19.82
C VAL A 323 5.75 -11.66 -18.56
N TRP A 324 5.07 -11.24 -17.50
CA TRP A 324 5.06 -11.98 -16.24
C TRP A 324 3.75 -12.74 -15.99
N TYR A 325 2.74 -12.48 -16.83
CA TYR A 325 1.35 -12.90 -16.57
C TYR A 325 1.22 -14.34 -16.11
N ASP A 326 0.42 -14.53 -15.06
CA ASP A 326 0.10 -15.86 -14.55
C ASP A 326 -1.30 -15.89 -13.93
N PRO A 327 -2.26 -16.55 -14.61
CA PRO A 327 -3.65 -16.70 -14.19
C PRO A 327 -3.79 -17.33 -12.80
N ALA A 328 -2.87 -18.25 -12.48
CA ALA A 328 -2.83 -18.88 -11.17
C ALA A 328 -2.68 -17.85 -10.05
N GLU A 329 -2.22 -16.66 -10.41
CA GLU A 329 -2.00 -15.56 -9.47
C GLU A 329 -3.09 -14.49 -9.62
N VAL A 330 -3.37 -14.09 -10.85
CA VAL A 330 -4.30 -12.99 -11.14
C VAL A 330 -5.76 -13.40 -10.95
N GLU A 331 -6.16 -14.47 -11.64
CA GLU A 331 -7.56 -14.90 -11.67
C GLU A 331 -7.89 -15.90 -10.55
N ALA A 332 -7.23 -15.70 -9.40
CA ALA A 332 -7.45 -16.51 -8.20
C ALA A 332 -8.80 -16.19 -7.53
N PRO A 333 -9.43 -17.22 -6.90
CA PRO A 333 -10.75 -17.10 -6.27
C PRO A 333 -10.84 -15.99 -5.21
N PRO A 334 -11.80 -15.05 -5.38
CA PRO A 334 -12.09 -14.00 -4.40
C PRO A 334 -12.84 -14.57 -3.19
N PRO A 335 -12.72 -13.90 -2.07
CA PRO A 335 -13.17 -14.42 -0.80
C PRO A 335 -14.44 -13.81 -0.27
N LEU A 342 -21.21 -8.31 6.87
CA LEU A 342 -20.18 -7.35 7.21
C LEU A 342 -20.45 -5.96 6.62
N ASP A 343 -20.07 -4.92 7.38
CA ASP A 343 -20.28 -3.52 7.04
C ASP A 343 -19.13 -2.55 7.37
N GLU A 344 -19.44 -1.25 7.29
CA GLU A 344 -18.57 -0.17 7.77
C GLU A 344 -19.35 0.75 8.71
N ARG A 345 -19.38 0.39 10.00
CA ARG A 345 -20.24 1.08 10.96
C ARG A 345 -19.45 1.80 12.06
N GLU A 346 -20.15 2.70 12.75
CA GLU A 346 -19.62 3.39 13.93
C GLU A 346 -19.83 2.52 15.16
N HIS A 347 -18.87 2.58 16.08
CA HIS A 347 -18.99 1.91 17.38
C HIS A 347 -18.33 2.73 18.48
N THR A 348 -18.93 2.69 19.67
CA THR A 348 -18.31 3.30 20.85
C THR A 348 -17.09 2.47 21.22
N ILE A 349 -16.17 3.06 21.98
CA ILE A 349 -14.95 2.37 22.38
C ILE A 349 -15.22 1.23 23.38
N GLU A 350 -16.37 1.29 24.05
CA GLU A 350 -16.85 0.19 24.85
C GLU A 350 -17.37 -0.95 23.95
N GLU A 351 -18.10 -0.57 22.89
CA GLU A 351 -18.60 -1.53 21.88
C GLU A 351 -17.47 -2.18 21.10
N TRP A 352 -16.47 -1.35 20.74
CA TRP A 352 -15.28 -1.78 19.97
C TRP A 352 -14.44 -2.82 20.70
N LYS A 353 -14.16 -2.56 21.95
CA LYS A 353 -13.39 -3.45 22.76
C LYS A 353 -13.89 -4.82 22.49
N GLU A 354 -15.11 -5.10 22.90
CA GLU A 354 -15.67 -6.45 22.84
C GLU A 354 -15.57 -7.02 21.43
N LEU A 355 -15.85 -6.19 20.43
CA LEU A 355 -15.79 -6.60 19.02
C LEU A 355 -14.46 -7.21 18.61
N ILE A 356 -13.37 -6.55 18.98
CA ILE A 356 -12.01 -7.00 18.65
C ILE A 356 -11.63 -8.22 19.49
N TYR A 357 -11.90 -8.15 20.79
CA TYR A 357 -11.65 -9.28 21.69
C TYR A 357 -12.34 -10.53 21.16
N LYS A 358 -13.57 -10.38 20.69
CA LYS A 358 -14.31 -11.48 20.07
C LYS A 358 -13.53 -12.11 18.91
N GLU A 359 -12.97 -11.25 18.06
CA GLU A 359 -12.23 -11.69 16.87
C GLU A 359 -10.77 -12.04 17.15
N VAL A 360 -10.29 -11.73 18.36
CA VAL A 360 -8.97 -12.17 18.81
C VAL A 360 -9.07 -13.57 19.42
N MET A 361 -10.16 -13.80 20.16
CA MET A 361 -10.46 -15.12 20.72
C MET A 361 -11.05 -16.05 19.66
N ASN A 362 -11.46 -15.46 18.54
CA ASN A 362 -11.94 -16.17 17.35
C ASN A 362 -12.99 -17.26 17.62
C1 34I B . 12.33 -6.58 7.94
C2 34I B . 11.99 -5.26 7.61
C3 34I B . 12.87 -4.23 7.94
C4 34I B . 14.06 -4.50 8.61
C5 34I B . 14.39 -5.80 8.95
C6 34I B . 13.53 -6.85 8.62
C7 34I B . 12.50 -2.80 7.58
C8 34I B . 10.99 -2.66 7.74
C9 34I B . 10.26 -3.77 7.01
N10 34I B . 10.83 -5.00 6.95
C11 34I B . 10.31 -6.11 6.15
C12 34I B . 9.04 -6.74 6.65
O13 34I B . 8.79 -7.88 6.30
N14 34I B . 8.27 -6.05 7.38
C15 34I B . 7.08 -6.49 7.89
S16 34I B . 6.42 -7.98 7.65
C17 34I B . 5.02 -7.85 8.52
C18 34I B . 5.04 -6.57 9.05
C19 34I B . 6.23 -5.75 8.69
C20 34I B . 6.49 -4.36 9.14
N21 34I B . 5.51 -3.50 9.50
N22 34I B . 6.21 -2.35 9.85
C23 34I B . 7.54 -2.57 9.66
N24 34I B . 7.72 -3.84 9.23
C25 34I B . 4.03 -6.12 9.82
O26 34I B . 9.18 -3.49 6.50
N27 34I B . 3.14 -5.73 10.44
#